data_9D15
#
_entry.id   9D15
#
_cell.length_a   60.293
_cell.length_b   60.293
_cell.length_c   158.323
_cell.angle_alpha   90.00
_cell.angle_beta   90.00
_cell.angle_gamma   90.00
#
_symmetry.space_group_name_H-M   'P 43 2 2'
#
loop_
_entity.id
_entity.type
_entity.pdbx_description
1 polymer 'Nuclear elongation and deformation protein'
2 non-polymer TUNGSTATE(VI)ION
3 non-polymer 'MAGNESIUM ION'
4 non-polymer GLYCEROL
5 water water
#
_entity_poly.entity_id   1
_entity_poly.type   'polypeptide(L)'
_entity_poly.pdbx_seq_one_letter_code
;SFSGVVDIIVVRQPDDSLKSMPFHIRFGTLKVLDNQNINIQITVNDKKIEDVFMLMLPEGACYFPELNAKNEIQKKLRPS
SAILKKFNLKNGYNKIQFIAESDLQGKQLIEGKIYLYNYDTKLVISDVNGTVTKSDVKGHISTIIGKEWTHDDIAELYTN
IQKNGYKMVYLSSRPLYFYNYTQGYLKGIIQNGFTMPDGPILLSPDQIISSLNREVVYKKADEFKGALLKDLRRVFPEEV
NPIFAGFGNRDTDATACLYAGVIIDNIFIINEQSQVEILGKQEKSSYKKINEKIQELFPRLP
;
_entity_poly.pdbx_strand_id   A
#
# COMPACT_ATOMS: atom_id res chain seq x y z
N SER A 1 -20.61 -7.92 0.88
CA SER A 1 -19.18 -8.21 0.98
C SER A 1 -18.38 -7.21 0.16
N PHE A 2 -17.06 -7.29 0.29
CA PHE A 2 -16.16 -6.32 -0.35
C PHE A 2 -16.04 -6.59 -1.84
N SER A 3 -16.02 -5.51 -2.62
CA SER A 3 -15.81 -5.57 -4.06
C SER A 3 -14.76 -4.54 -4.43
N GLY A 4 -13.57 -5.00 -4.78
CA GLY A 4 -12.50 -4.10 -5.14
C GLY A 4 -11.15 -4.81 -5.11
N VAL A 5 -10.11 -4.01 -5.17
CA VAL A 5 -8.74 -4.50 -5.20
C VAL A 5 -7.90 -3.68 -4.23
N VAL A 6 -7.07 -4.37 -3.45
CA VAL A 6 -6.13 -3.70 -2.57
C VAL A 6 -4.95 -3.22 -3.41
N ASP A 7 -4.56 -1.96 -3.20
CA ASP A 7 -3.47 -1.35 -3.96
C ASP A 7 -2.27 -2.30 -4.03
N ILE A 8 -1.77 -2.50 -5.25
CA ILE A 8 -0.70 -3.45 -5.52
C ILE A 8 0.61 -2.70 -5.68
N ILE A 9 1.69 -3.27 -5.18
CA ILE A 9 3.03 -2.67 -5.29
C ILE A 9 3.93 -3.63 -6.06
N VAL A 10 4.66 -3.08 -7.03
CA VAL A 10 5.57 -3.83 -7.88
C VAL A 10 6.90 -3.09 -7.89
N VAL A 11 8.00 -3.83 -7.78
CA VAL A 11 9.33 -3.26 -7.69
C VAL A 11 10.21 -3.85 -8.79
N ARG A 12 10.88 -2.99 -9.55
CA ARG A 12 11.81 -3.43 -10.56
C ARG A 12 13.15 -3.73 -9.91
N GLN A 13 13.59 -4.99 -10.00
CA GLN A 13 14.87 -5.40 -9.47
C GLN A 13 16.01 -4.91 -10.37
N PRO A 14 17.24 -4.88 -9.87
CA PRO A 14 18.35 -4.36 -10.68
C PRO A 14 18.78 -5.29 -11.80
N ASP A 15 18.32 -6.55 -11.80
CA ASP A 15 18.46 -7.42 -12.96
C ASP A 15 17.29 -7.30 -13.93
N ASP A 16 16.46 -6.28 -13.76
CA ASP A 16 15.31 -5.93 -14.58
C ASP A 16 14.13 -6.89 -14.41
N SER A 17 14.23 -7.88 -13.52
CA SER A 17 13.07 -8.66 -13.17
C SER A 17 12.10 -7.82 -12.35
N LEU A 18 10.90 -8.36 -12.14
CA LEU A 18 9.86 -7.68 -11.39
C LEU A 18 9.36 -8.58 -10.27
N LYS A 19 9.21 -8.00 -9.09
CA LYS A 19 8.57 -8.64 -7.95
C LYS A 19 7.40 -7.78 -7.51
N SER A 20 6.40 -8.40 -6.89
CA SER A 20 5.23 -7.67 -6.44
C SER A 20 4.72 -8.25 -5.13
N MET A 21 3.97 -7.43 -4.40
CA MET A 21 3.26 -7.88 -3.23
CA MET A 21 3.26 -7.88 -3.23
C MET A 21 2.07 -8.75 -3.64
N PRO A 22 1.47 -9.48 -2.71
CA PRO A 22 0.33 -10.32 -3.08
C PRO A 22 -0.85 -9.52 -3.61
N PHE A 23 -1.50 -10.09 -4.63
CA PHE A 23 -2.73 -9.53 -5.18
C PHE A 23 -3.91 -9.94 -4.29
N HIS A 24 -4.59 -8.97 -3.69
CA HIS A 24 -5.81 -9.22 -2.93
C HIS A 24 -6.95 -8.53 -3.68
N ILE A 25 -7.77 -9.32 -4.37
CA ILE A 25 -8.89 -8.79 -5.14
C ILE A 25 -10.11 -9.67 -4.89
N ARG A 26 -11.28 -9.04 -4.83
CA ARG A 26 -12.54 -9.73 -4.55
C ARG A 26 -13.61 -9.22 -5.48
N PHE A 27 -14.42 -10.14 -6.01
CA PHE A 27 -15.60 -9.80 -6.80
C PHE A 27 -16.81 -10.02 -5.89
N GLY A 28 -17.33 -8.94 -5.32
CA GLY A 28 -18.42 -9.05 -4.37
C GLY A 28 -19.66 -9.67 -5.00
N THR A 29 -19.96 -9.29 -6.25
CA THR A 29 -21.14 -9.81 -6.93
C THR A 29 -21.11 -11.33 -7.04
N LEU A 30 -20.21 -11.85 -7.88
CA LEU A 30 -20.16 -13.28 -8.16
C LEU A 30 -20.32 -14.10 -6.89
N LYS A 31 -21.46 -14.79 -6.80
CA LYS A 31 -21.89 -15.49 -5.59
C LYS A 31 -22.00 -16.99 -5.86
N ILE A 38 -15.14 -19.70 -14.17
CA ILE A 38 -14.91 -18.27 -14.12
C ILE A 38 -13.44 -17.96 -14.36
N ASN A 39 -13.16 -17.21 -15.42
CA ASN A 39 -11.83 -16.67 -15.68
C ASN A 39 -11.84 -15.17 -15.36
N ILE A 40 -10.63 -14.63 -15.18
CA ILE A 40 -10.46 -13.21 -14.84
C ILE A 40 -9.36 -12.65 -15.72
N GLN A 41 -9.70 -11.64 -16.51
CA GLN A 41 -8.73 -10.95 -17.36
C GLN A 41 -8.35 -9.62 -16.73
N ILE A 42 -7.31 -9.00 -17.30
CA ILE A 42 -6.67 -7.83 -16.73
C ILE A 42 -6.44 -6.79 -17.82
N THR A 43 -6.64 -5.52 -17.47
CA THR A 43 -6.29 -4.40 -18.34
CA THR A 43 -6.28 -4.41 -18.35
C THR A 43 -5.55 -3.38 -17.51
N VAL A 44 -4.41 -2.90 -18.01
CA VAL A 44 -3.57 -1.96 -17.29
C VAL A 44 -3.49 -0.70 -18.14
N ASN A 45 -3.92 0.43 -17.57
CA ASN A 45 -3.94 1.71 -18.26
C ASN A 45 -4.81 1.63 -19.52
N ASP A 46 -5.99 1.02 -19.37
CA ASP A 46 -6.97 0.93 -20.45
C ASP A 46 -6.42 0.15 -21.64
N LYS A 47 -5.54 -0.82 -21.38
CA LYS A 47 -4.98 -1.69 -22.41
C LYS A 47 -5.10 -3.12 -21.92
N LYS A 48 -5.82 -3.95 -22.66
CA LYS A 48 -6.02 -5.33 -22.27
C LYS A 48 -4.70 -6.08 -22.31
N ILE A 49 -4.45 -6.91 -21.30
CA ILE A 49 -3.22 -7.69 -21.18
C ILE A 49 -3.49 -9.08 -21.72
N GLU A 50 -2.74 -9.46 -22.73
CA GLU A 50 -2.92 -10.74 -23.40
C GLU A 50 -2.05 -11.83 -22.76
N ASP A 51 -2.58 -13.06 -22.74
CA ASP A 51 -1.92 -14.24 -22.18
C ASP A 51 -1.69 -14.12 -20.67
N VAL A 52 -2.60 -13.48 -19.93
CA VAL A 52 -2.55 -13.45 -18.48
C VAL A 52 -3.97 -13.61 -17.96
N PHE A 53 -4.14 -14.48 -16.97
CA PHE A 53 -5.47 -14.73 -16.41
C PHE A 53 -5.34 -15.13 -14.95
N MET A 54 -6.45 -14.94 -14.23
CA MET A 54 -6.57 -15.36 -12.84
C MET A 54 -7.80 -16.24 -12.71
N LEU A 55 -7.83 -17.04 -11.65
CA LEU A 55 -8.96 -17.89 -11.30
C LEU A 55 -9.48 -17.50 -9.94
N MET A 56 -10.64 -18.04 -9.57
CA MET A 56 -11.32 -17.64 -8.36
C MET A 56 -11.75 -18.85 -7.54
N LEU A 57 -11.52 -18.75 -6.24
CA LEU A 57 -11.93 -19.77 -5.28
C LEU A 57 -13.41 -19.60 -4.96
N PRO A 58 -14.01 -20.58 -4.27
CA PRO A 58 -15.45 -20.45 -3.96
C PRO A 58 -15.76 -19.24 -3.10
N GLU A 59 -14.82 -18.82 -2.25
CA GLU A 59 -15.06 -17.69 -1.36
C GLU A 59 -14.86 -16.33 -2.04
N GLY A 60 -14.41 -16.31 -3.29
CA GLY A 60 -14.31 -15.07 -4.05
C GLY A 60 -12.91 -14.54 -4.23
N ALA A 61 -11.92 -15.06 -3.51
CA ALA A 61 -10.55 -14.60 -3.65
C ALA A 61 -9.94 -15.18 -4.92
N CYS A 62 -9.09 -14.40 -5.58
CA CYS A 62 -8.55 -14.75 -6.88
C CYS A 62 -7.05 -15.03 -6.77
N TYR A 63 -6.55 -15.82 -7.71
CA TYR A 63 -5.16 -16.26 -7.68
C TYR A 63 -4.65 -16.52 -9.09
N PHE A 64 -3.33 -16.44 -9.25
CA PHE A 64 -2.68 -16.85 -10.48
C PHE A 64 -2.37 -18.34 -10.41
N PRO A 65 -2.86 -19.16 -11.36
CA PRO A 65 -2.50 -20.58 -11.35
C PRO A 65 -1.08 -20.77 -11.84
N GLU A 66 -0.30 -21.56 -11.11
CA GLU A 66 1.12 -21.75 -11.41
C GLU A 66 1.50 -23.19 -11.09
N LEU A 67 2.05 -23.88 -12.08
CA LEU A 67 2.48 -25.26 -11.87
C LEU A 67 3.67 -25.29 -10.91
N ASN A 68 3.69 -26.33 -10.07
CA ASN A 68 4.86 -26.67 -9.29
C ASN A 68 5.61 -27.81 -9.98
N ALA A 69 6.68 -28.29 -9.34
CA ALA A 69 7.55 -29.26 -9.97
C ALA A 69 6.93 -30.65 -10.05
N LYS A 70 5.86 -30.92 -9.33
CA LYS A 70 5.13 -32.18 -9.42
C LYS A 70 3.98 -32.09 -10.42
N ASN A 71 3.90 -31.00 -11.19
CA ASN A 71 2.87 -30.81 -12.21
C ASN A 71 1.48 -30.75 -11.58
N GLU A 72 1.39 -30.08 -10.44
CA GLU A 72 0.13 -29.75 -9.79
C GLU A 72 -0.07 -28.24 -9.82
N ILE A 73 -1.31 -27.81 -9.93
CA ILE A 73 -1.62 -26.39 -9.99
C ILE A 73 -1.55 -25.80 -8.59
N GLN A 74 -0.70 -24.79 -8.42
CA GLN A 74 -0.62 -24.03 -7.19
C GLN A 74 -1.39 -22.72 -7.33
N LYS A 75 -1.91 -22.22 -6.20
CA LYS A 75 -2.73 -21.00 -6.19
C LYS A 75 -1.88 -19.86 -5.62
N LYS A 76 -1.22 -19.10 -6.48
CA LYS A 76 -0.33 -18.02 -6.09
C LYS A 76 -1.09 -16.70 -6.04
N LEU A 77 -0.79 -15.90 -5.02
CA LEU A 77 -1.23 -14.52 -5.01
C LEU A 77 -0.21 -13.58 -5.63
N ARG A 78 1.05 -14.03 -5.76
CA ARG A 78 2.10 -13.20 -6.34
C ARG A 78 2.45 -13.72 -7.72
N PRO A 79 2.21 -12.95 -8.78
CA PRO A 79 2.52 -13.44 -10.13
C PRO A 79 4.02 -13.53 -10.36
N SER A 80 4.37 -14.33 -11.36
CA SER A 80 5.77 -14.44 -11.77
C SER A 80 6.25 -13.12 -12.37
N SER A 81 7.57 -13.00 -12.50
CA SER A 81 8.14 -11.80 -13.11
C SER A 81 7.74 -11.70 -14.58
N ALA A 82 7.61 -12.84 -15.28
CA ALA A 82 7.25 -12.82 -16.69
C ALA A 82 5.83 -12.28 -16.89
N ILE A 83 4.89 -12.68 -16.02
CA ILE A 83 3.54 -12.15 -16.10
C ILE A 83 3.55 -10.65 -15.86
N LEU A 84 4.29 -10.20 -14.84
CA LEU A 84 4.30 -8.77 -14.50
C LEU A 84 4.89 -7.93 -15.62
N LYS A 85 5.87 -8.47 -16.36
CA LYS A 85 6.44 -7.72 -17.47
C LYS A 85 5.42 -7.48 -18.57
N LYS A 86 4.42 -8.36 -18.69
CA LYS A 86 3.39 -8.19 -19.71
C LYS A 86 2.44 -7.03 -19.39
N PHE A 87 2.41 -6.59 -18.12
CA PHE A 87 1.53 -5.47 -17.76
C PHE A 87 1.96 -4.17 -18.43
N ASN A 88 3.24 -4.04 -18.79
CA ASN A 88 3.79 -2.80 -19.36
C ASN A 88 3.55 -1.64 -18.40
N LEU A 89 3.95 -1.83 -17.15
CA LEU A 89 3.72 -0.81 -16.13
C LEU A 89 4.64 0.39 -16.32
N LYS A 90 4.09 1.57 -16.09
CA LYS A 90 4.88 2.79 -16.00
C LYS A 90 5.33 2.99 -14.55
N ASN A 91 6.36 3.81 -14.37
CA ASN A 91 6.76 4.16 -13.02
C ASN A 91 5.66 4.95 -12.33
N GLY A 92 5.39 4.61 -11.08
CA GLY A 92 4.37 5.29 -10.31
C GLY A 92 3.00 4.66 -10.44
N TYR A 93 1.97 5.50 -10.45
CA TYR A 93 0.60 5.01 -10.46
C TYR A 93 0.25 4.39 -11.81
N ASN A 94 -0.51 3.29 -11.77
CA ASN A 94 -1.10 2.69 -12.95
C ASN A 94 -2.53 2.27 -12.63
N LYS A 95 -3.42 2.43 -13.61
CA LYS A 95 -4.78 1.93 -13.47
C LYS A 95 -4.83 0.46 -13.84
N ILE A 96 -5.56 -0.33 -13.06
CA ILE A 96 -5.71 -1.75 -13.32
C ILE A 96 -7.16 -2.13 -13.09
N GLN A 97 -7.72 -2.93 -14.00
CA GLN A 97 -9.07 -3.45 -13.88
C GLN A 97 -9.01 -4.96 -14.01
N PHE A 98 -9.89 -5.64 -13.27
CA PHE A 98 -10.06 -7.09 -13.33
C PHE A 98 -11.46 -7.38 -13.81
N ILE A 99 -11.58 -8.23 -14.83
CA ILE A 99 -12.85 -8.56 -15.45
C ILE A 99 -13.08 -10.05 -15.23
N ALA A 100 -14.10 -10.39 -14.44
CA ALA A 100 -14.47 -11.77 -14.16
C ALA A 100 -15.65 -12.15 -15.05
N GLU A 101 -15.41 -13.06 -16.00
CA GLU A 101 -16.46 -13.54 -16.89
C GLU A 101 -17.08 -14.82 -16.34
N SER A 102 -18.41 -14.81 -16.21
CA SER A 102 -19.17 -15.93 -15.69
C SER A 102 -20.35 -16.18 -16.62
N ASP A 103 -20.61 -17.45 -16.93
CA ASP A 103 -21.70 -17.77 -17.84
C ASP A 103 -23.05 -17.44 -17.23
N LEU A 104 -23.16 -17.48 -15.90
CA LEU A 104 -24.41 -17.21 -15.21
C LEU A 104 -24.63 -15.73 -14.94
N GLN A 105 -23.58 -15.02 -14.51
CA GLN A 105 -23.70 -13.64 -14.09
C GLN A 105 -22.99 -12.69 -15.04
N GLY A 106 -22.54 -13.18 -16.20
CA GLY A 106 -21.93 -12.32 -17.19
C GLY A 106 -20.60 -11.73 -16.74
N LYS A 107 -20.27 -10.61 -17.38
CA LYS A 107 -19.02 -9.90 -17.10
C LYS A 107 -19.21 -8.99 -15.89
N GLN A 108 -18.26 -9.07 -14.95
CA GLN A 108 -18.21 -8.19 -13.80
C GLN A 108 -16.84 -7.54 -13.75
N LEU A 109 -16.81 -6.26 -13.40
CA LEU A 109 -15.58 -5.47 -13.46
C LEU A 109 -15.34 -4.75 -12.15
N ILE A 110 -14.09 -4.78 -11.70
CA ILE A 110 -13.62 -4.01 -10.56
C ILE A 110 -12.38 -3.23 -11.00
N GLU A 111 -12.14 -2.11 -10.34
CA GLU A 111 -11.02 -1.25 -10.68
C GLU A 111 -10.15 -1.02 -9.46
N GLY A 112 -8.88 -0.77 -9.70
CA GLY A 112 -7.93 -0.60 -8.63
C GLY A 112 -6.68 0.12 -9.11
N LYS A 113 -5.62 -0.01 -8.31
CA LYS A 113 -4.41 0.76 -8.52
C LYS A 113 -3.21 -0.14 -8.31
N ILE A 114 -2.21 0.01 -9.19
CA ILE A 114 -0.99 -0.78 -9.12
C ILE A 114 0.19 0.16 -9.35
N TYR A 115 1.15 0.14 -8.43
CA TYR A 115 2.27 1.07 -8.42
C TYR A 115 3.56 0.32 -8.76
N LEU A 116 4.40 0.95 -9.58
CA LEU A 116 5.70 0.41 -9.94
C LEU A 116 6.78 1.33 -9.38
N TYR A 117 7.62 0.79 -8.51
CA TYR A 117 8.78 1.50 -7.96
C TYR A 117 10.05 0.87 -8.48
N ASN A 118 11.15 1.59 -8.31
CA ASN A 118 12.48 1.08 -8.63
C ASN A 118 13.15 0.54 -7.37
N TYR A 119 14.23 -0.23 -7.57
CA TYR A 119 14.89 -0.85 -6.43
C TYR A 119 15.46 0.18 -5.47
N ASP A 120 15.78 1.39 -5.96
CA ASP A 120 16.34 2.43 -5.12
C ASP A 120 15.29 3.45 -4.66
N THR A 121 14.02 3.18 -4.90
CA THR A 121 12.96 4.05 -4.41
C THR A 121 12.89 3.97 -2.89
N LYS A 122 12.70 5.13 -2.25
CA LYS A 122 12.59 5.23 -0.80
C LYS A 122 11.14 5.50 -0.43
N LEU A 123 10.65 4.73 0.55
CA LEU A 123 9.26 4.81 0.98
C LEU A 123 9.17 5.45 2.36
N VAL A 124 8.04 6.11 2.62
CA VAL A 124 7.75 6.68 3.93
C VAL A 124 6.37 6.16 4.33
N ILE A 125 6.32 5.39 5.41
CA ILE A 125 5.10 4.74 5.85
C ILE A 125 4.31 5.69 6.73
N SER A 126 2.97 5.56 6.66
CA SER A 126 2.07 6.35 7.48
C SER A 126 0.88 5.48 7.86
N ASP A 127 0.76 5.16 9.14
CA ASP A 127 -0.49 4.64 9.67
C ASP A 127 -1.61 5.65 9.38
N VAL A 128 -2.84 5.16 9.41
CA VAL A 128 -3.99 6.00 9.11
C VAL A 128 -4.73 6.38 10.40
N ASN A 129 -5.22 5.38 11.12
CA ASN A 129 -6.05 5.64 12.30
C ASN A 129 -5.17 6.05 13.47
N GLY A 130 -5.44 7.23 14.04
CA GLY A 130 -4.65 7.79 15.11
C GLY A 130 -3.45 8.59 14.65
N THR A 131 -2.98 8.37 13.42
CA THR A 131 -1.85 9.07 12.85
C THR A 131 -2.29 10.15 11.85
N VAL A 132 -3.16 9.78 10.90
CA VAL A 132 -3.81 10.76 10.03
C VAL A 132 -5.06 11.26 10.75
N THR A 133 -5.96 10.35 11.12
CA THR A 133 -7.09 10.74 11.94
C THR A 133 -6.64 11.01 13.38
N LYS A 134 -7.48 11.74 14.11
CA LYS A 134 -7.10 12.20 15.44
C LYS A 134 -7.30 11.14 16.52
N SER A 135 -8.13 10.14 16.28
CA SER A 135 -8.47 9.14 17.29
C SER A 135 -8.29 7.74 16.72
N ASP A 136 -7.81 6.83 17.56
CA ASP A 136 -7.60 5.44 17.15
C ASP A 136 -8.51 4.52 17.96
N SER A 142 -18.26 1.55 13.40
CA SER A 142 -18.63 1.03 12.08
C SER A 142 -19.43 2.07 11.30
N THR A 143 -20.24 2.85 12.02
CA THR A 143 -20.98 3.94 11.41
C THR A 143 -20.04 5.12 11.16
N ILE A 144 -20.00 5.60 9.91
CA ILE A 144 -19.05 6.63 9.49
C ILE A 144 -19.68 7.47 8.39
N ILE A 145 -19.05 8.63 8.13
CA ILE A 145 -19.44 9.46 7.00
C ILE A 145 -18.20 10.07 6.34
N GLY A 146 -17.01 9.71 6.80
CA GLY A 146 -15.79 10.30 6.30
C GLY A 146 -15.41 11.61 6.94
N LYS A 147 -16.18 12.10 7.91
CA LYS A 147 -15.89 13.35 8.58
C LYS A 147 -14.94 13.18 9.76
N GLU A 148 -14.17 12.10 9.79
CA GLU A 148 -13.20 11.92 10.84
C GLU A 148 -12.26 13.14 10.87
N TRP A 149 -11.89 13.56 12.07
CA TRP A 149 -10.99 14.69 12.21
C TRP A 149 -9.57 14.29 11.85
N THR A 150 -8.84 15.24 11.28
CA THR A 150 -7.47 15.01 10.82
C THR A 150 -6.52 15.91 11.59
N HIS A 151 -5.38 15.35 12.00
CA HIS A 151 -4.34 16.14 12.63
C HIS A 151 -3.97 17.31 11.72
N ASP A 152 -3.80 18.48 12.33
CA ASP A 152 -3.47 19.68 11.55
C ASP A 152 -2.10 19.55 10.91
N ASP A 153 -1.97 20.11 9.70
CA ASP A 153 -0.71 20.31 8.99
C ASP A 153 -0.10 19.01 8.44
N ILE A 154 -0.84 17.90 8.48
CA ILE A 154 -0.25 16.64 8.02
C ILE A 154 -0.21 16.59 6.49
N ALA A 155 -1.18 17.20 5.80
CA ALA A 155 -1.20 17.15 4.35
C ALA A 155 -0.06 17.96 3.75
N GLU A 156 0.27 19.11 4.37
CA GLU A 156 1.39 19.90 3.89
C GLU A 156 2.71 19.17 4.12
N LEU A 157 2.88 18.57 5.30
CA LEU A 157 4.11 17.82 5.57
C LEU A 157 4.31 16.70 4.57
N TYR A 158 3.31 15.84 4.41
CA TYR A 158 3.46 14.70 3.50
C TYR A 158 3.67 15.17 2.07
N THR A 159 2.99 16.25 1.67
CA THR A 159 3.19 16.79 0.33
C THR A 159 4.66 17.13 0.11
N ASN A 160 5.32 17.71 1.10
CA ASN A 160 6.71 18.13 0.94
C ASN A 160 7.68 16.95 1.03
N ILE A 161 7.32 15.90 1.78
CA ILE A 161 8.10 14.68 1.74
C ILE A 161 8.08 14.08 0.34
N GLN A 162 6.89 14.04 -0.27
CA GLN A 162 6.77 13.54 -1.64
C GLN A 162 7.53 14.42 -2.62
N LYS A 163 7.48 15.74 -2.43
CA LYS A 163 8.15 16.65 -3.34
C LYS A 163 9.66 16.47 -3.30
N ASN A 164 10.20 15.97 -2.20
CA ASN A 164 11.62 15.73 -2.07
C ASN A 164 12.03 14.35 -2.57
N GLY A 165 11.11 13.60 -3.19
CA GLY A 165 11.45 12.37 -3.87
C GLY A 165 11.00 11.10 -3.19
N TYR A 166 10.56 11.17 -1.93
CA TYR A 166 10.08 9.99 -1.24
C TYR A 166 8.66 9.65 -1.71
N LYS A 167 8.24 8.42 -1.41
CA LYS A 167 6.92 7.92 -1.79
C LYS A 167 6.14 7.58 -0.53
N MET A 168 5.02 8.26 -0.30
CA MET A 168 4.17 7.95 0.83
C MET A 168 3.45 6.63 0.59
N VAL A 169 3.41 5.79 1.62
CA VAL A 169 2.70 4.52 1.60
C VAL A 169 1.88 4.45 2.88
N TYR A 170 0.57 4.29 2.73
CA TYR A 170 -0.37 4.30 3.85
C TYR A 170 -0.66 2.88 4.33
N LEU A 171 -0.97 2.76 5.61
CA LEU A 171 -1.17 1.48 6.27
C LEU A 171 -2.47 1.51 7.05
N SER A 172 -3.39 0.62 6.72
CA SER A 172 -4.68 0.51 7.39
C SER A 172 -4.79 -0.87 8.03
N SER A 173 -5.27 -0.90 9.27
CA SER A 173 -5.60 -2.15 9.95
C SER A 173 -7.10 -2.34 10.09
N ARG A 174 -7.91 -1.50 9.43
CA ARG A 174 -9.35 -1.66 9.51
C ARG A 174 -9.78 -2.88 8.69
N PRO A 175 -10.98 -3.40 8.96
CA PRO A 175 -11.49 -4.52 8.17
C PRO A 175 -11.56 -4.15 6.69
N LEU A 176 -11.49 -5.19 5.85
CA LEU A 176 -11.50 -4.98 4.41
C LEU A 176 -12.77 -4.27 3.94
N TYR A 177 -13.85 -4.36 4.72
CA TYR A 177 -15.08 -3.69 4.35
C TYR A 177 -14.89 -2.17 4.27
N PHE A 178 -13.95 -1.63 5.04
CA PHE A 178 -13.70 -0.20 5.08
C PHE A 178 -12.61 0.26 4.13
N TYR A 179 -12.07 -0.64 3.30
CA TYR A 179 -10.90 -0.27 2.50
C TYR A 179 -11.22 0.87 1.53
N ASN A 180 -12.28 0.71 0.72
CA ASN A 180 -12.65 1.76 -0.20
C ASN A 180 -13.00 3.05 0.52
N TYR A 181 -13.61 2.94 1.71
CA TYR A 181 -13.88 4.14 2.50
C TYR A 181 -12.60 4.86 2.87
N THR A 182 -11.58 4.11 3.29
CA THR A 182 -10.33 4.73 3.69
C THR A 182 -9.66 5.43 2.51
N GLN A 183 -9.73 4.83 1.32
CA GLN A 183 -9.22 5.48 0.13
C GLN A 183 -9.93 6.81 -0.10
N GLY A 184 -11.26 6.81 -0.02
CA GLY A 184 -12.02 8.04 -0.22
C GLY A 184 -11.75 9.08 0.83
N TYR A 185 -11.52 8.66 2.07
CA TYR A 185 -11.21 9.61 3.14
C TYR A 185 -9.87 10.31 2.89
N LEU A 186 -8.86 9.55 2.46
CA LEU A 186 -7.54 10.15 2.27
C LEU A 186 -7.51 11.08 1.07
N LYS A 187 -8.19 10.72 -0.02
CA LYS A 187 -8.19 11.57 -1.20
C LYS A 187 -9.10 12.79 -1.06
N GLY A 188 -9.88 12.86 0.01
CA GLY A 188 -10.77 13.99 0.24
C GLY A 188 -10.20 15.05 1.17
N ILE A 189 -9.12 14.70 1.88
CA ILE A 189 -8.53 15.63 2.82
C ILE A 189 -7.98 16.85 2.09
N ILE A 190 -8.38 18.04 2.55
CA ILE A 190 -7.83 19.29 2.05
C ILE A 190 -7.56 20.18 3.25
N GLN A 191 -6.30 20.57 3.43
CA GLN A 191 -5.87 21.39 4.57
C GLN A 191 -5.10 22.57 4.04
N ASN A 192 -5.70 23.76 4.10
CA ASN A 192 -5.05 24.99 3.63
C ASN A 192 -4.61 24.84 2.18
N GLY A 193 -5.41 24.11 1.39
CA GLY A 193 -5.11 23.85 0.00
C GLY A 193 -4.27 22.61 -0.25
N PHE A 194 -3.62 22.08 0.77
CA PHE A 194 -2.79 20.90 0.61
C PHE A 194 -3.62 19.63 0.69
N THR A 195 -3.19 18.62 -0.06
CA THR A 195 -3.86 17.33 -0.08
C THR A 195 -2.88 16.23 0.31
N MET A 196 -3.43 15.07 0.62
CA MET A 196 -2.60 13.91 0.93
C MET A 196 -1.99 13.38 -0.36
N PRO A 197 -0.67 13.24 -0.46
CA PRO A 197 -0.10 12.74 -1.72
C PRO A 197 -0.62 11.35 -2.06
N ASP A 198 -0.89 11.13 -3.35
CA ASP A 198 -1.37 9.84 -3.80
C ASP A 198 -0.34 8.77 -3.48
N GLY A 199 -0.85 7.61 -3.02
CA GLY A 199 0.00 6.48 -2.73
C GLY A 199 -0.80 5.24 -2.36
N PRO A 200 -0.15 4.08 -2.37
CA PRO A 200 -0.86 2.83 -2.06
C PRO A 200 -1.24 2.74 -0.60
N ILE A 201 -2.40 2.14 -0.35
CA ILE A 201 -2.87 1.83 0.99
C ILE A 201 -2.76 0.33 1.19
N LEU A 202 -1.83 -0.10 2.02
CA LEU A 202 -1.66 -1.51 2.33
C LEU A 202 -2.61 -1.90 3.47
N LEU A 203 -3.08 -3.14 3.42
CA LEU A 203 -4.05 -3.66 4.39
C LEU A 203 -3.39 -4.80 5.16
N SER A 204 -3.44 -4.71 6.49
CA SER A 204 -2.87 -5.76 7.31
C SER A 204 -3.46 -7.11 6.93
N PRO A 205 -2.64 -8.16 6.81
CA PRO A 205 -3.15 -9.43 6.26
C PRO A 205 -4.19 -10.10 7.15
N ASP A 206 -4.28 -9.75 8.44
CA ASP A 206 -5.30 -10.35 9.28
C ASP A 206 -6.70 -9.98 8.82
N GLN A 207 -6.85 -8.84 8.15
CA GLN A 207 -8.14 -8.41 7.64
C GLN A 207 -8.50 -9.04 6.30
N ILE A 208 -7.58 -9.80 5.70
CA ILE A 208 -7.81 -10.40 4.40
C ILE A 208 -7.83 -11.91 4.55
N ILE A 209 -8.80 -12.42 5.31
CA ILE A 209 -8.82 -13.85 5.62
C ILE A 209 -9.20 -14.64 4.38
N SER A 210 -8.50 -15.75 4.15
CA SER A 210 -8.76 -16.64 3.04
C SER A 210 -7.77 -17.80 3.13
N SER A 211 -8.01 -18.84 2.34
CA SER A 211 -7.14 -20.00 2.29
C SER A 211 -7.54 -20.92 1.14
N GLU A 223 1.51 -8.10 15.60
CA GLU A 223 2.51 -8.79 14.80
C GLU A 223 2.14 -8.78 13.32
N PHE A 224 0.90 -8.40 13.02
CA PHE A 224 0.42 -8.41 11.64
C PHE A 224 0.97 -7.21 10.87
N LYS A 225 1.00 -6.03 11.50
CA LYS A 225 1.63 -4.87 10.86
C LYS A 225 3.10 -5.12 10.59
N GLY A 226 3.78 -5.81 11.51
CA GLY A 226 5.18 -6.12 11.30
C GLY A 226 5.40 -7.10 10.17
N ALA A 227 4.52 -8.10 10.05
CA ALA A 227 4.64 -9.05 8.95
C ALA A 227 4.38 -8.36 7.61
N LEU A 228 3.40 -7.44 7.56
CA LEU A 228 3.11 -6.74 6.33
C LEU A 228 4.29 -5.89 5.87
N LEU A 229 4.89 -5.14 6.80
CA LEU A 229 5.99 -4.26 6.42
C LEU A 229 7.24 -5.05 6.04
N LYS A 230 7.49 -6.19 6.68
CA LYS A 230 8.59 -7.05 6.26
C LYS A 230 8.32 -7.65 4.89
N ASP A 231 7.05 -7.94 4.58
CA ASP A 231 6.68 -8.38 3.23
C ASP A 231 7.01 -7.30 2.22
N LEU A 232 6.60 -6.06 2.49
CA LEU A 232 6.92 -4.95 1.60
C LEU A 232 8.42 -4.77 1.46
N ARG A 233 9.16 -4.84 2.57
CA ARG A 233 10.60 -4.67 2.49
C ARG A 233 11.25 -5.74 1.62
N ARG A 234 10.68 -6.95 1.60
CA ARG A 234 11.31 -8.07 0.92
C ARG A 234 11.01 -8.12 -0.57
N VAL A 235 10.18 -7.21 -1.10
CA VAL A 235 10.03 -7.13 -2.54
CA VAL A 235 10.03 -7.12 -2.54
C VAL A 235 11.11 -6.25 -3.17
N PHE A 236 11.99 -5.58 -2.30
CA PHE A 236 13.18 -4.84 -2.68
C PHE A 236 14.41 -5.69 -2.44
N PRO A 237 15.50 -5.49 -3.19
CA PRO A 237 16.72 -6.27 -2.95
C PRO A 237 17.21 -6.11 -1.52
N GLU A 238 17.99 -7.09 -1.07
CA GLU A 238 18.45 -7.11 0.32
C GLU A 238 19.48 -6.02 0.60
N GLU A 239 20.21 -5.57 -0.42
CA GLU A 239 21.35 -4.69 -0.21
C GLU A 239 20.96 -3.21 -0.12
N VAL A 240 19.68 -2.89 -0.25
CA VAL A 240 19.18 -1.54 -0.03
C VAL A 240 18.13 -1.58 1.08
N ASN A 241 17.99 -0.45 1.78
CA ASN A 241 16.97 -0.30 2.82
C ASN A 241 15.86 0.59 2.28
N PRO A 242 14.75 0.04 1.78
CA PRO A 242 13.79 0.87 1.04
C PRO A 242 12.89 1.73 1.92
N ILE A 243 12.67 1.34 3.16
CA ILE A 243 11.73 2.05 4.04
C ILE A 243 12.52 3.06 4.84
N PHE A 244 12.41 4.34 4.45
CA PHE A 244 13.21 5.39 5.06
C PHE A 244 12.67 5.81 6.42
N ALA A 245 11.38 6.05 6.52
CA ALA A 245 10.79 6.57 7.75
C ALA A 245 9.37 6.06 7.90
N GLY A 246 8.78 6.31 9.05
CA GLY A 246 7.43 5.87 9.33
C GLY A 246 6.76 6.77 10.34
N PHE A 247 5.44 6.93 10.18
CA PHE A 247 4.60 7.71 11.08
C PHE A 247 3.56 6.78 11.69
N GLY A 248 3.40 6.86 13.02
CA GLY A 248 2.44 6.02 13.73
C GLY A 248 1.89 6.73 14.94
N ASN A 249 1.13 6.01 15.77
CA ASN A 249 0.57 6.59 16.97
C ASN A 249 0.55 5.65 18.16
N ARG A 250 1.08 4.42 18.02
CA ARG A 250 1.17 3.46 19.10
C ARG A 250 2.58 2.91 19.14
N ASP A 251 3.01 2.49 20.33
CA ASP A 251 4.36 1.95 20.45
C ASP A 251 4.53 0.70 19.60
N THR A 252 3.44 -0.02 19.31
CA THR A 252 3.53 -1.18 18.44
C THR A 252 3.79 -0.77 16.99
N ASP A 253 3.42 0.45 16.61
CA ASP A 253 3.80 0.95 15.29
C ASP A 253 5.31 1.13 15.19
N ALA A 254 5.94 1.60 16.27
CA ALA A 254 7.39 1.75 16.27
C ALA A 254 8.08 0.40 16.13
N THR A 255 7.58 -0.62 16.84
CA THR A 255 8.17 -1.95 16.75
C THR A 255 8.03 -2.53 15.34
N ALA A 256 6.86 -2.33 14.72
CA ALA A 256 6.67 -2.83 13.37
C ALA A 256 7.67 -2.22 12.41
N CYS A 257 7.95 -0.93 12.56
CA CYS A 257 8.87 -0.25 11.66
C CYS A 257 10.31 -0.68 11.91
N LEU A 258 10.70 -0.79 13.19
CA LEU A 258 12.07 -1.16 13.50
C LEU A 258 12.44 -2.52 12.90
N TYR A 259 11.54 -3.49 13.01
CA TYR A 259 11.81 -4.83 12.51
C TYR A 259 11.62 -4.97 11.01
N ALA A 260 11.25 -3.88 10.33
CA ALA A 260 11.18 -3.84 8.87
C ALA A 260 12.30 -3.00 8.26
N GLY A 261 13.20 -2.45 9.06
CA GLY A 261 14.37 -1.78 8.56
C GLY A 261 14.41 -0.27 8.69
N VAL A 262 13.51 0.33 9.48
CA VAL A 262 13.52 1.77 9.71
C VAL A 262 14.39 2.06 10.92
N ILE A 263 15.33 3.00 10.77
CA ILE A 263 16.15 3.41 11.89
CA ILE A 263 16.14 3.42 11.90
C ILE A 263 15.28 4.14 12.91
N ILE A 264 15.59 3.97 14.19
CA ILE A 264 14.79 4.58 15.24
C ILE A 264 14.71 6.09 15.06
N ASP A 265 15.75 6.71 14.49
CA ASP A 265 15.77 8.15 14.34
C ASP A 265 14.72 8.66 13.37
N ASN A 266 14.16 7.79 12.54
CA ASN A 266 13.20 8.18 11.52
C ASN A 266 11.80 7.63 11.80
N ILE A 267 11.49 7.37 13.07
CA ILE A 267 10.16 6.92 13.47
C ILE A 267 9.50 8.03 14.28
N PHE A 268 8.27 8.37 13.92
CA PHE A 268 7.52 9.46 14.53
C PHE A 268 6.22 8.90 15.09
N ILE A 269 5.96 9.14 16.37
CA ILE A 269 4.80 8.61 17.07
C ILE A 269 4.00 9.78 17.64
N ILE A 270 2.77 9.94 17.18
CA ILE A 270 1.92 11.06 17.57
C ILE A 270 0.87 10.58 18.56
N ASN A 271 0.43 11.46 19.43
CA ASN A 271 -0.61 11.17 20.41
C ASN A 271 -1.89 11.93 20.05
N GLU A 272 -2.91 11.77 20.88
CA GLU A 272 -4.21 12.40 20.60
C GLU A 272 -4.19 13.90 20.77
N GLN A 273 -3.16 14.47 21.41
CA GLN A 273 -2.98 15.91 21.47
C GLN A 273 -2.15 16.44 20.30
N SER A 274 -1.88 15.61 19.29
CA SER A 274 -1.09 15.96 18.12
C SER A 274 0.36 16.28 18.44
N GLN A 275 0.85 15.84 19.60
CA GLN A 275 2.27 15.94 19.92
C GLN A 275 3.01 14.77 19.28
N VAL A 276 4.02 15.08 18.46
CA VAL A 276 4.80 14.06 17.76
C VAL A 276 6.11 13.87 18.51
N GLU A 277 6.40 12.63 18.90
CA GLU A 277 7.69 12.26 19.44
C GLU A 277 8.55 11.68 18.33
N ILE A 278 9.71 12.29 18.09
CA ILE A 278 10.73 11.71 17.22
C ILE A 278 11.54 10.76 18.08
N LEU A 279 11.37 9.45 17.86
CA LEU A 279 11.83 8.47 18.82
C LEU A 279 13.34 8.52 19.02
N GLY A 280 14.10 8.64 17.93
CA GLY A 280 15.55 8.61 18.06
C GLY A 280 16.09 9.76 18.90
N LYS A 281 15.64 10.98 18.60
CA LYS A 281 16.11 12.16 19.32
C LYS A 281 15.35 12.39 20.62
N GLN A 282 14.36 11.55 20.94
CA GLN A 282 13.51 11.74 22.11
C GLN A 282 13.09 13.20 22.22
N GLU A 283 12.55 13.72 21.13
CA GLU A 283 12.22 15.13 20.97
C GLU A 283 10.73 15.29 20.73
N LYS A 284 10.13 16.27 21.40
CA LYS A 284 8.72 16.57 21.20
C LYS A 284 8.58 17.63 20.12
N SER A 285 7.58 17.45 19.25
CA SER A 285 7.47 18.23 18.04
C SER A 285 6.02 18.13 17.55
N SER A 286 5.81 18.45 16.27
CA SER A 286 4.49 18.39 15.65
C SER A 286 4.67 18.26 14.15
N TYR A 287 3.56 18.06 13.44
CA TYR A 287 3.64 18.01 11.99
C TYR A 287 4.09 19.36 11.42
N LYS A 288 3.69 20.45 12.06
CA LYS A 288 4.11 21.77 11.59
C LYS A 288 5.61 21.98 11.77
N LYS A 289 6.13 21.60 12.94
CA LYS A 289 7.55 21.81 13.20
C LYS A 289 8.42 20.84 12.39
N ILE A 290 7.95 19.60 12.20
CA ILE A 290 8.68 18.67 11.34
C ILE A 290 8.72 19.20 9.92
N ASN A 291 7.63 19.82 9.46
CA ASN A 291 7.59 20.39 8.12
C ASN A 291 8.60 21.53 7.97
N GLU A 292 8.77 22.31 9.03
CA GLU A 292 9.76 23.39 8.97
C GLU A 292 11.18 22.86 8.85
N LYS A 293 11.42 21.66 9.38
CA LYS A 293 12.73 21.02 9.29
C LYS A 293 12.76 19.93 8.23
N ILE A 294 11.98 20.10 7.15
CA ILE A 294 11.85 19.02 6.16
C ILE A 294 13.18 18.72 5.50
N GLN A 295 13.97 19.75 5.19
CA GLN A 295 15.22 19.50 4.47
C GLN A 295 16.26 18.81 5.35
N GLU A 296 16.10 18.87 6.67
CA GLU A 296 17.00 18.18 7.58
C GLU A 296 16.58 16.72 7.77
N LEU A 297 15.30 16.49 8.02
CA LEU A 297 14.80 15.17 8.36
C LEU A 297 14.47 14.32 7.14
N PHE A 298 14.03 14.95 6.06
CA PHE A 298 13.67 14.25 4.82
C PHE A 298 14.44 14.88 3.66
N PRO A 299 15.76 14.80 3.67
CA PRO A 299 16.56 15.51 2.66
C PRO A 299 16.19 15.09 1.24
N ARG A 300 16.30 16.05 0.33
CA ARG A 300 15.93 15.82 -1.06
C ARG A 300 16.80 14.73 -1.69
N LEU A 301 16.15 13.82 -2.44
CA LEU A 301 16.82 12.73 -3.14
C LEU A 301 17.18 13.15 -4.56
N PRO A 302 18.30 12.64 -5.11
CA PRO A 302 18.67 12.97 -6.49
C PRO A 302 17.66 12.47 -7.52
#